data_2H3G
#
_entry.id   2H3G
#
_cell.length_a   67.852
_cell.length_b   133.396
_cell.length_c   41.138
_cell.angle_alpha   90.00
_cell.angle_beta   90.00
_cell.angle_gamma   90.00
#
_symmetry.space_group_name_H-M   'P 21 21 2'
#
loop_
_entity.id
_entity.type
_entity.pdbx_description
1 polymer 'BIOSYNTHETIC PROTEIN'
2 non-polymer 1,2-ETHANEDIOL
3 water water
#
_entity_poly.entity_id   1
_entity_poly.type   'polypeptide(L)'
_entity_poly.pdbx_seq_one_letter_code
;MIFVLDVGNTNAVLGVFEEGELRQHWRMETDRHKTEDEYGMLVKQLLEHEGLSFEDVKGIIVSSVVPPIMFALERMCEKY
FKIKPLVVGPGIKTGLNIKYENPREVGADRIVNAVAGIHLYGSPLIIVDFGTATTYCYINEEKHYMGGVITPGIMISAEA
LYSRAAKLPRIEITKPSSVVGKNTVSAMQSGILYGYVGQVEGIVKRMKEEAKQEPKVIATGGLAKLISEESNVIDVVDPF
LTLKGLYMLYERNANLQHEKGEHHHHHH
;
_entity_poly.pdbx_strand_id   X
#
# COMPACT_ATOMS: atom_id res chain seq x y z
N MET A 1 -16.23 9.16 -12.55
CA MET A 1 -15.54 8.27 -11.54
C MET A 1 -14.06 8.56 -11.65
N ILE A 2 -13.32 8.25 -10.60
CA ILE A 2 -11.91 8.54 -10.54
C ILE A 2 -11.20 7.19 -10.49
N PHE A 3 -10.18 7.03 -11.33
CA PHE A 3 -9.43 5.77 -11.43
C PHE A 3 -8.11 6.00 -10.71
N VAL A 4 -7.75 5.10 -9.81
N VAL A 4 -7.72 5.06 -9.87
CA VAL A 4 -6.48 5.22 -9.10
CA VAL A 4 -6.52 5.17 -9.05
C VAL A 4 -5.61 3.99 -9.47
C VAL A 4 -5.61 3.97 -9.34
N LEU A 5 -4.31 4.19 -9.49
CA LEU A 5 -3.38 3.08 -9.77
C LEU A 5 -2.19 3.17 -8.84
N ASP A 6 -1.89 2.07 -8.15
CA ASP A 6 -0.76 2.04 -7.21
C ASP A 6 0.13 0.95 -7.79
N VAL A 7 1.24 1.32 -8.42
CA VAL A 7 2.06 0.30 -9.08
C VAL A 7 3.33 -0.07 -8.28
N GLY A 8 3.48 -1.32 -7.89
CA GLY A 8 4.67 -1.72 -7.14
C GLY A 8 5.66 -2.48 -8.03
N ASN A 9 6.85 -2.76 -7.48
CA ASN A 9 7.92 -3.50 -8.16
C ASN A 9 7.34 -4.80 -8.65
N THR A 10 6.56 -5.44 -7.77
CA THR A 10 6.02 -6.76 -7.96
C THR A 10 4.53 -6.75 -8.30
N ASN A 11 3.74 -5.97 -7.55
CA ASN A 11 2.28 -5.90 -7.75
C ASN A 11 1.76 -4.49 -8.10
N ALA A 12 0.66 -4.44 -8.84
CA ALA A 12 -0.18 -3.26 -9.02
C ALA A 12 -1.62 -3.43 -8.45
N VAL A 13 -2.17 -2.36 -7.90
CA VAL A 13 -3.56 -2.40 -7.45
C VAL A 13 -4.32 -1.26 -8.12
N LEU A 14 -5.47 -1.54 -8.72
CA LEU A 14 -6.21 -0.47 -9.43
C LEU A 14 -7.47 -0.31 -8.62
N GLY A 15 -8.05 0.89 -8.65
CA GLY A 15 -9.40 1.08 -8.14
C GLY A 15 -10.20 2.17 -8.77
N VAL A 16 -11.53 2.07 -8.71
CA VAL A 16 -12.36 3.10 -9.26
C VAL A 16 -13.22 3.59 -8.09
N PHE A 17 -13.26 4.90 -7.93
CA PHE A 17 -14.08 5.55 -6.90
C PHE A 17 -15.29 6.18 -7.56
N GLU A 18 -16.46 5.94 -6.97
CA GLU A 18 -17.69 6.53 -7.46
C GLU A 18 -18.32 7.27 -6.27
N GLU A 19 -18.57 8.57 -6.46
CA GLU A 19 -19.06 9.45 -5.40
C GLU A 19 -18.22 9.33 -4.12
N GLY A 20 -16.90 9.39 -4.30
CA GLY A 20 -15.96 9.31 -3.18
C GLY A 20 -15.85 8.00 -2.44
N GLU A 21 -16.56 6.98 -2.92
CA GLU A 21 -16.42 5.66 -2.36
C GLU A 21 -15.75 4.71 -3.36
N LEU A 22 -14.98 3.75 -2.82
CA LEU A 22 -14.27 2.74 -3.61
C LEU A 22 -15.35 1.82 -4.11
N ARG A 23 -15.52 1.78 -5.41
CA ARG A 23 -16.52 0.95 -6.01
C ARG A 23 -15.98 -0.45 -6.27
N GLN A 24 -14.70 -0.54 -6.79
CA GLN A 24 -14.13 -1.79 -7.14
C GLN A 24 -12.61 -1.64 -7.14
N HIS A 25 -11.92 -2.73 -6.91
CA HIS A 25 -10.47 -2.73 -6.91
C HIS A 25 -10.07 -3.95 -7.64
N TRP A 26 -8.85 -3.94 -8.17
CA TRP A 26 -8.32 -5.10 -8.88
C TRP A 26 -6.85 -5.19 -8.58
N ARG A 27 -6.33 -6.39 -8.43
CA ARG A 27 -4.89 -6.53 -8.14
C ARG A 27 -4.24 -7.37 -9.24
N MET A 28 -2.94 -7.15 -9.45
CA MET A 28 -2.20 -7.84 -10.53
C MET A 28 -0.70 -7.72 -10.33
N GLU A 29 0.05 -8.60 -11.00
CA GLU A 29 1.53 -8.49 -11.05
C GLU A 29 1.92 -7.35 -11.99
N THR A 30 2.91 -6.59 -11.56
CA THR A 30 3.44 -5.50 -12.40
C THR A 30 4.12 -6.22 -13.59
N ASP A 31 3.87 -5.75 -14.80
CA ASP A 31 4.39 -6.41 -15.97
C ASP A 31 5.22 -5.40 -16.80
N ARG A 32 6.54 -5.50 -16.70
CA ARG A 32 7.45 -4.67 -17.50
C ARG A 32 7.44 -4.99 -19.00
N HIS A 33 6.77 -6.08 -19.37
CA HIS A 33 6.71 -6.51 -20.78
C HIS A 33 5.53 -5.96 -21.47
N LYS A 34 4.55 -5.44 -20.72
CA LYS A 34 3.25 -5.04 -21.32
C LYS A 34 3.38 -3.71 -21.96
N THR A 35 2.71 -3.56 -23.09
CA THR A 35 2.65 -2.30 -23.80
C THR A 35 1.39 -1.46 -23.43
N GLU A 36 1.40 -0.19 -23.79
CA GLU A 36 0.28 0.71 -23.57
C GLU A 36 -1.04 0.16 -24.10
N ASP A 37 -1.02 -0.43 -25.29
CA ASP A 37 -2.22 -1.08 -25.84
C ASP A 37 -2.64 -2.33 -25.10
N GLU A 38 -1.70 -3.14 -24.63
CA GLU A 38 -2.11 -4.29 -23.82
C GLU A 38 -2.63 -3.86 -22.40
N TYR A 39 -2.09 -2.80 -21.80
CA TYR A 39 -2.70 -2.20 -20.59
C TYR A 39 -4.14 -1.71 -20.91
N GLY A 40 -4.33 -1.03 -22.04
CA GLY A 40 -5.65 -0.46 -22.38
C GLY A 40 -6.67 -1.57 -22.56
N MET A 41 -6.27 -2.63 -23.28
CA MET A 41 -7.13 -3.80 -23.44
C MET A 41 -7.45 -4.57 -22.13
N LEU A 42 -6.49 -4.67 -21.22
CA LEU A 42 -6.76 -5.29 -19.91
C LEU A 42 -7.72 -4.39 -19.09
N VAL A 43 -7.46 -3.09 -19.04
CA VAL A 43 -8.31 -2.14 -18.34
C VAL A 43 -9.75 -2.18 -18.92
N LYS A 44 -9.87 -2.15 -20.25
CA LYS A 44 -11.17 -2.31 -20.91
C LYS A 44 -11.93 -3.49 -20.38
N GLN A 45 -11.24 -4.64 -20.26
CA GLN A 45 -11.91 -5.82 -19.78
C GLN A 45 -12.35 -5.69 -18.32
N LEU A 46 -11.51 -5.10 -17.48
CA LEU A 46 -11.83 -4.96 -16.04
C LEU A 46 -13.05 -4.04 -15.90
N LEU A 47 -13.04 -2.94 -16.66
CA LEU A 47 -14.18 -2.01 -16.65
C LEU A 47 -15.45 -2.71 -17.13
N GLU A 48 -15.39 -3.36 -18.29
CA GLU A 48 -16.58 -4.08 -18.83
C GLU A 48 -17.21 -5.03 -17.83
N HIS A 49 -16.39 -5.87 -17.16
CA HIS A 49 -16.94 -6.83 -16.22
CA HIS A 49 -16.87 -6.86 -16.16
C HIS A 49 -17.50 -6.19 -14.95
N GLU A 50 -17.15 -4.92 -14.75
CA GLU A 50 -17.66 -4.12 -13.62
C GLU A 50 -18.89 -3.29 -14.04
N GLY A 51 -19.25 -3.34 -15.32
CA GLY A 51 -20.36 -2.55 -15.82
C GLY A 51 -20.00 -1.16 -16.15
N LEU A 52 -18.73 -0.93 -16.47
CA LEU A 52 -18.25 0.42 -16.72
C LEU A 52 -17.59 0.54 -18.10
N SER A 53 -17.43 1.77 -18.55
CA SER A 53 -16.74 2.09 -19.80
C SER A 53 -15.60 3.03 -19.44
N PHE A 54 -14.67 3.24 -20.37
CA PHE A 54 -13.62 4.26 -20.24
C PHE A 54 -14.20 5.62 -19.93
N GLU A 55 -15.33 5.90 -20.60
CA GLU A 55 -16.04 7.16 -20.52
C GLU A 55 -16.43 7.48 -19.06
N ASP A 56 -16.62 6.45 -18.26
CA ASP A 56 -17.07 6.63 -16.89
C ASP A 56 -16.03 7.31 -16.03
N VAL A 57 -14.78 7.17 -16.46
CA VAL A 57 -13.65 7.69 -15.75
C VAL A 57 -13.30 9.09 -16.20
N LYS A 58 -13.30 10.02 -15.25
CA LYS A 58 -13.14 11.46 -15.54
C LYS A 58 -11.82 11.97 -15.01
N GLY A 59 -11.12 11.15 -14.22
CA GLY A 59 -9.83 11.57 -13.64
C GLY A 59 -9.04 10.36 -13.20
N ILE A 60 -7.72 10.51 -13.15
CA ILE A 60 -6.85 9.41 -12.90
C ILE A 60 -5.68 9.91 -12.07
N ILE A 61 -5.34 9.15 -11.05
CA ILE A 61 -4.09 9.39 -10.32
C ILE A 61 -3.26 8.12 -10.24
N VAL A 62 -1.94 8.21 -10.47
CA VAL A 62 -1.05 7.01 -10.42
C VAL A 62 0.08 7.24 -9.41
N SER A 63 0.37 6.22 -8.58
CA SER A 63 1.55 6.17 -7.72
C SER A 63 2.32 4.95 -8.15
N SER A 64 3.63 5.09 -8.39
CA SER A 64 4.46 4.04 -8.98
C SER A 64 5.92 4.14 -8.50
N VAL A 65 6.56 3.01 -8.31
CA VAL A 65 7.98 2.94 -7.96
C VAL A 65 8.72 2.28 -9.14
N VAL A 66 8.09 2.23 -10.31
CA VAL A 66 8.66 1.54 -11.50
C VAL A 66 8.70 2.52 -12.68
N PRO A 67 9.79 3.30 -12.79
CA PRO A 67 9.85 4.26 -13.89
C PRO A 67 9.71 3.57 -15.25
N PRO A 68 10.39 2.39 -15.47
CA PRO A 68 10.30 1.82 -16.81
C PRO A 68 8.90 1.53 -17.35
N ILE A 69 7.87 1.54 -16.49
CA ILE A 69 6.49 1.36 -16.99
C ILE A 69 5.61 2.61 -16.99
N MET A 70 6.12 3.74 -16.49
CA MET A 70 5.31 4.97 -16.42
C MET A 70 4.93 5.51 -17.78
N PHE A 71 5.85 5.39 -18.73
CA PHE A 71 5.64 5.98 -20.01
C PHE A 71 4.42 5.30 -20.65
N ALA A 72 4.34 3.97 -20.51
CA ALA A 72 3.31 3.15 -21.14
C ALA A 72 1.98 3.39 -20.43
N LEU A 73 2.00 3.45 -19.10
CA LEU A 73 0.75 3.72 -18.37
C LEU A 73 0.20 5.11 -18.67
N GLU A 74 1.07 6.11 -18.72
CA GLU A 74 0.66 7.44 -19.08
C GLU A 74 0.07 7.47 -20.52
N ARG A 75 0.74 6.81 -21.47
CA ARG A 75 0.27 6.72 -22.85
C ARG A 75 -1.09 5.98 -22.99
N MET A 76 -1.25 4.84 -22.31
CA MET A 76 -2.52 4.17 -22.13
C MET A 76 -3.61 5.14 -21.56
N CYS A 77 -3.31 5.92 -20.52
CA CYS A 77 -4.33 6.83 -19.99
C CYS A 77 -4.71 7.85 -21.06
N GLU A 78 -3.71 8.45 -21.69
CA GLU A 78 -3.97 9.46 -22.71
C GLU A 78 -4.78 8.94 -23.91
N LYS A 79 -4.50 7.71 -24.35
CA LYS A 79 -5.11 7.08 -25.51
C LYS A 79 -6.51 6.50 -25.28
N TYR A 80 -6.68 5.76 -24.19
CA TYR A 80 -7.95 5.11 -23.90
C TYR A 80 -8.93 5.94 -23.09
N PHE A 81 -8.41 6.81 -22.21
CA PHE A 81 -9.27 7.56 -21.31
C PHE A 81 -9.31 8.98 -21.75
N LYS A 82 -8.41 9.32 -22.67
CA LYS A 82 -8.22 10.69 -23.10
C LYS A 82 -7.92 11.63 -21.93
N ILE A 83 -7.14 11.13 -20.97
CA ILE A 83 -6.82 11.88 -19.77
C ILE A 83 -5.32 11.78 -19.50
N LYS A 84 -4.68 12.89 -19.13
CA LYS A 84 -3.30 12.84 -18.62
C LYS A 84 -3.41 12.64 -17.13
N PRO A 85 -2.84 11.56 -16.61
CA PRO A 85 -3.06 11.31 -15.18
C PRO A 85 -2.23 12.22 -14.29
N LEU A 86 -2.77 12.48 -13.11
CA LEU A 86 -1.95 12.98 -12.03
C LEU A 86 -0.98 11.90 -11.56
N VAL A 87 0.31 12.26 -11.46
CA VAL A 87 1.38 11.40 -10.93
C VAL A 87 1.89 11.82 -9.56
N VAL A 88 1.79 10.93 -8.58
CA VAL A 88 2.30 11.18 -7.24
C VAL A 88 3.81 11.32 -7.37
N GLY A 89 4.30 12.52 -7.08
CA GLY A 89 5.71 12.78 -7.22
C GLY A 89 6.06 14.07 -6.49
N PRO A 90 7.36 14.44 -6.53
CA PRO A 90 7.75 15.73 -6.00
C PRO A 90 6.79 16.78 -6.54
N GLY A 91 6.23 17.57 -5.64
CA GLY A 91 5.45 18.73 -6.04
C GLY A 91 3.97 18.49 -6.12
N ILE A 92 3.53 17.25 -5.86
CA ILE A 92 2.12 16.97 -5.58
C ILE A 92 1.82 17.52 -4.17
N LYS A 93 0.66 18.14 -3.99
CA LYS A 93 0.24 18.67 -2.69
C LYS A 93 -0.50 17.64 -1.85
N THR A 94 -0.16 17.52 -0.57
CA THR A 94 -0.71 16.42 0.25
C THR A 94 -1.37 16.89 1.55
N GLY A 95 -1.01 18.09 2.00
CA GLY A 95 -1.49 18.59 3.28
C GLY A 95 -0.76 17.98 4.45
N LEU A 96 0.25 17.16 4.16
CA LEU A 96 0.96 16.45 5.23
C LEU A 96 2.15 17.25 5.78
N ASN A 97 2.12 17.45 7.09
CA ASN A 97 3.27 18.02 7.78
C ASN A 97 4.38 16.97 8.04
N ILE A 98 5.47 17.05 7.29
CA ILE A 98 6.58 16.11 7.43
C ILE A 98 7.70 16.73 8.32
N LYS A 99 7.95 16.13 9.48
CA LYS A 99 9.02 16.58 10.38
C LYS A 99 10.28 15.73 10.28
N TYR A 100 10.14 14.54 9.69
CA TYR A 100 11.23 13.73 9.20
C TYR A 100 12.29 14.60 8.51
N GLU A 101 13.56 14.33 8.81
CA GLU A 101 14.67 15.13 8.29
C GLU A 101 14.87 14.91 6.80
N ASN A 102 14.44 13.74 6.33
CA ASN A 102 14.52 13.38 4.91
C ASN A 102 13.17 13.36 4.16
N PRO A 103 12.45 14.52 4.07
CA PRO A 103 11.08 14.43 3.52
C PRO A 103 11.03 13.88 2.09
N ARG A 104 12.04 14.21 1.29
CA ARG A 104 12.08 13.83 -0.13
C ARG A 104 12.36 12.34 -0.30
N GLU A 105 13.01 11.71 0.66
CA GLU A 105 13.29 10.26 0.63
C GLU A 105 12.15 9.37 1.17
N VAL A 106 11.12 9.98 1.74
CA VAL A 106 9.89 9.26 2.15
C VAL A 106 9.15 8.66 0.95
N GLY A 107 8.96 7.34 0.94
CA GLY A 107 8.20 6.68 -0.13
C GLY A 107 6.89 7.42 -0.40
N ALA A 108 6.57 7.66 -1.67
CA ALA A 108 5.28 8.22 -2.04
C ALA A 108 4.06 7.57 -1.30
N ASP A 109 4.06 6.24 -1.18
CA ASP A 109 2.88 5.57 -0.59
C ASP A 109 2.83 5.72 0.93
N ARG A 110 3.96 6.04 1.57
CA ARG A 110 3.99 6.32 3.02
C ARG A 110 3.25 7.63 3.23
N ILE A 111 3.44 8.57 2.29
CA ILE A 111 2.80 9.86 2.37
C ILE A 111 1.29 9.69 2.18
N VAL A 112 0.93 8.97 1.11
CA VAL A 112 -0.45 8.64 0.73
C VAL A 112 -1.18 7.94 1.91
N ASN A 113 -0.52 6.93 2.49
CA ASN A 113 -1.04 6.18 3.62
C ASN A 113 -1.24 7.06 4.84
N ALA A 114 -0.30 7.99 5.08
CA ALA A 114 -0.40 8.89 6.20
C ALA A 114 -1.59 9.88 6.02
N VAL A 115 -1.75 10.41 4.81
CA VAL A 115 -2.83 11.31 4.50
C VAL A 115 -4.14 10.57 4.75
N ALA A 116 -4.29 9.36 4.20
CA ALA A 116 -5.50 8.57 4.41
C ALA A 116 -5.72 8.20 5.88
N GLY A 117 -4.65 7.72 6.53
CA GLY A 117 -4.75 7.26 7.92
C GLY A 117 -5.19 8.36 8.88
N ILE A 118 -4.58 9.52 8.75
CA ILE A 118 -4.92 10.67 9.59
C ILE A 118 -6.39 11.08 9.34
N HIS A 119 -6.78 11.18 8.07
CA HIS A 119 -8.16 11.54 7.75
C HIS A 119 -9.17 10.52 8.22
N LEU A 120 -8.85 9.24 8.07
CA LEU A 120 -9.79 8.19 8.39
C LEU A 120 -9.75 7.69 9.82
N TYR A 121 -8.61 7.81 10.50
CA TYR A 121 -8.39 7.18 11.81
C TYR A 121 -7.86 8.12 12.89
N GLY A 122 -7.42 9.31 12.51
CA GLY A 122 -6.98 10.31 13.51
C GLY A 122 -5.49 10.29 13.79
N SER A 123 -5.10 10.77 14.97
CA SER A 123 -3.68 10.87 15.36
C SER A 123 -3.60 10.88 16.89
N PRO A 124 -2.48 10.41 17.49
CA PRO A 124 -1.30 9.88 16.79
C PRO A 124 -1.55 8.51 16.19
N LEU A 125 -0.72 8.09 15.24
CA LEU A 125 -0.95 6.81 14.56
C LEU A 125 0.36 6.11 14.32
N ILE A 126 0.30 4.80 14.33
CA ILE A 126 1.37 3.96 13.76
C ILE A 126 0.76 3.26 12.53
N ILE A 127 1.43 3.40 11.37
CA ILE A 127 0.91 2.80 10.17
C ILE A 127 1.91 1.77 9.73
N VAL A 128 1.44 0.55 9.59
CA VAL A 128 2.31 -0.56 9.18
C VAL A 128 1.90 -0.98 7.79
N ASP A 129 2.85 -0.96 6.85
CA ASP A 129 2.51 -1.33 5.47
C ASP A 129 3.42 -2.52 5.07
N PHE A 130 2.81 -3.67 4.91
CA PHE A 130 3.48 -4.89 4.57
C PHE A 130 3.54 -4.93 3.03
N GLY A 131 4.59 -4.41 2.47
CA GLY A 131 4.75 -4.55 1.00
C GLY A 131 6.08 -5.22 0.68
N THR A 132 6.71 -4.72 -0.39
CA THR A 132 8.08 -5.13 -0.73
C THR A 132 9.06 -5.01 0.44
N ALA A 133 9.06 -3.85 1.12
CA ALA A 133 9.56 -3.73 2.50
C ALA A 133 8.35 -3.62 3.46
N THR A 134 8.57 -3.91 4.73
CA THR A 134 7.54 -3.58 5.73
C THR A 134 7.98 -2.29 6.39
N THR A 135 7.13 -1.28 6.31
CA THR A 135 7.43 0.03 6.89
C THR A 135 6.47 0.28 8.06
N TYR A 136 6.96 1.06 9.02
CA TYR A 136 6.21 1.49 10.19
C TYR A 136 6.39 2.98 10.24
N CYS A 137 5.33 3.74 10.04
CA CYS A 137 5.38 5.20 10.13
C CYS A 137 4.74 5.67 11.43
N TYR A 138 5.28 6.76 11.98
CA TYR A 138 4.69 7.31 13.22
C TYR A 138 4.24 8.74 12.92
N ILE A 139 2.95 9.00 13.11
CA ILE A 139 2.38 10.32 13.00
C ILE A 139 2.09 10.75 14.44
N ASN A 140 2.62 11.88 14.88
CA ASN A 140 2.37 12.38 16.25
C ASN A 140 0.98 13.03 16.47
N GLU A 141 0.71 13.49 17.70
CA GLU A 141 -0.63 13.90 18.11
C GLU A 141 -1.02 15.24 17.50
N GLU A 142 -0.07 15.89 16.84
CA GLU A 142 -0.35 17.09 16.06
C GLU A 142 -0.43 16.74 14.57
N LYS A 143 -0.50 15.45 14.24
CA LYS A 143 -0.66 15.02 12.84
C LYS A 143 0.63 15.26 12.05
N HIS A 144 1.78 15.26 12.73
CA HIS A 144 3.04 15.40 12.03
C HIS A 144 3.64 14.04 11.71
N TYR A 145 4.15 13.90 10.50
CA TYR A 145 4.78 12.68 10.06
C TYR A 145 6.22 12.73 10.60
N MET A 146 6.51 11.85 11.54
CA MET A 146 7.76 11.97 12.27
C MET A 146 8.87 11.11 11.67
N GLY A 147 8.51 10.09 10.90
CA GLY A 147 9.46 9.05 10.45
C GLY A 147 8.97 7.67 10.88
N GLY A 148 9.89 6.73 11.05
CA GLY A 148 9.51 5.37 11.43
C GLY A 148 10.62 4.35 11.24
N VAL A 149 10.27 3.19 10.71
CA VAL A 149 11.11 2.02 10.79
C VAL A 149 10.93 1.27 9.47
N ILE A 150 12.01 0.71 8.93
CA ILE A 150 11.92 -0.07 7.71
C ILE A 150 12.54 -1.44 7.93
N THR A 151 11.84 -2.50 7.52
CA THR A 151 12.38 -3.85 7.61
C THR A 151 12.16 -4.51 6.25
N PRO A 152 12.90 -5.64 6.01
CA PRO A 152 12.65 -6.50 4.82
C PRO A 152 11.22 -7.01 4.77
N GLY A 153 10.62 -7.06 3.59
CA GLY A 153 9.24 -7.50 3.49
C GLY A 153 9.04 -8.98 3.67
N ILE A 154 7.82 -9.40 4.00
CA ILE A 154 7.56 -10.79 4.30
C ILE A 154 8.07 -11.71 3.18
N MET A 155 7.65 -11.45 1.93
CA MET A 155 8.06 -12.26 0.77
C MET A 155 9.55 -12.26 0.42
N ILE A 156 10.19 -11.10 0.49
CA ILE A 156 11.63 -10.97 0.23
C ILE A 156 12.46 -11.68 1.29
N SER A 157 11.99 -11.64 2.53
CA SER A 157 12.67 -12.36 3.57
C SER A 157 12.40 -13.89 3.40
N ALA A 158 11.16 -14.27 3.05
CA ALA A 158 10.79 -15.69 2.83
C ALA A 158 11.50 -16.35 1.64
N GLU A 159 11.78 -15.54 0.61
CA GLU A 159 12.50 -15.97 -0.59
C GLU A 159 13.98 -16.22 -0.32
N ALA A 160 14.66 -15.27 0.33
CA ALA A 160 16.05 -15.38 0.78
C ALA A 160 16.34 -16.62 1.65
N LEU A 161 15.26 -17.16 2.21
CA LEU A 161 15.28 -18.37 3.02
C LEU A 161 15.04 -19.61 2.16
N TYR A 162 13.82 -19.71 1.61
CA TYR A 162 13.40 -20.85 0.77
C TYR A 162 14.29 -21.12 -0.45
N SER A 163 15.17 -20.16 -0.77
CA SER A 163 16.03 -20.23 -1.96
C SER A 163 17.02 -21.39 -1.94
N ILE A 171 5.64 -19.91 -2.98
CA ILE A 171 5.77 -19.74 -1.53
C ILE A 171 4.45 -19.26 -0.89
N GLU A 172 3.88 -20.10 -0.03
CA GLU A 172 2.70 -19.72 0.75
C GLU A 172 3.07 -19.57 2.23
N ILE A 173 2.80 -18.38 2.80
CA ILE A 173 3.10 -18.10 4.21
C ILE A 173 2.05 -18.82 5.07
N THR A 174 2.35 -20.08 5.39
CA THR A 174 1.40 -20.94 6.11
C THR A 174 1.71 -21.03 7.60
N LYS A 175 0.64 -21.13 8.39
CA LYS A 175 0.74 -21.45 9.81
C LYS A 175 1.06 -22.95 9.99
N PRO A 176 2.23 -23.27 10.62
CA PRO A 176 2.56 -24.67 10.85
C PRO A 176 1.79 -25.22 12.05
N SER A 177 1.79 -26.54 12.22
CA SER A 177 1.02 -27.14 13.31
C SER A 177 1.63 -26.88 14.68
N SER A 178 2.93 -26.58 14.71
CA SER A 178 3.60 -26.16 15.95
C SER A 178 4.68 -25.13 15.63
N VAL A 179 5.00 -24.30 16.63
CA VAL A 179 6.14 -23.38 16.59
C VAL A 179 7.45 -24.17 16.36
N VAL A 180 7.71 -25.16 17.21
CA VAL A 180 8.89 -26.02 17.05
C VAL A 180 8.58 -26.96 15.90
N GLY A 181 9.19 -26.67 14.77
CA GLY A 181 8.98 -27.47 13.58
C GLY A 181 9.62 -28.83 13.73
N LYS A 182 8.77 -29.86 13.61
CA LYS A 182 9.18 -31.29 13.63
C LYS A 182 9.88 -31.74 12.36
N ASN A 183 10.02 -30.83 11.39
CA ASN A 183 10.60 -31.05 10.05
C ASN A 183 11.02 -29.72 9.39
N THR A 184 11.95 -29.77 8.43
CA THR A 184 12.50 -28.54 7.82
C THR A 184 11.49 -27.48 7.32
N VAL A 185 10.56 -27.91 6.46
CA VAL A 185 9.51 -27.04 5.95
C VAL A 185 8.75 -26.37 7.11
N SER A 186 8.34 -27.18 8.10
CA SER A 186 7.67 -26.70 9.32
C SER A 186 8.50 -25.66 10.14
N ALA A 187 9.81 -25.89 10.27
CA ALA A 187 10.74 -24.96 10.93
C ALA A 187 10.82 -23.61 10.19
N MET A 188 10.87 -23.66 8.86
CA MET A 188 10.89 -22.44 8.06
C MET A 188 9.55 -21.68 8.09
N GLN A 189 8.43 -22.40 8.10
CA GLN A 189 7.11 -21.81 8.16
C GLN A 189 6.94 -21.03 9.47
N SER A 190 7.23 -21.70 10.58
CA SER A 190 7.33 -21.10 11.91
C SER A 190 8.19 -19.83 11.91
N GLY A 191 9.37 -19.93 11.32
CA GLY A 191 10.33 -18.84 11.38
C GLY A 191 9.81 -17.59 10.71
N ILE A 192 9.27 -17.77 9.51
CA ILE A 192 8.77 -16.63 8.74
C ILE A 192 7.58 -16.04 9.44
N LEU A 193 6.61 -16.87 9.78
CA LEU A 193 5.40 -16.37 10.35
C LEU A 193 5.64 -15.76 11.75
N TYR A 194 6.07 -16.59 12.71
CA TYR A 194 6.22 -16.13 14.07
C TYR A 194 7.38 -15.15 14.22
N GLY A 195 8.42 -15.28 13.41
CA GLY A 195 9.47 -14.29 13.41
C GLY A 195 8.91 -12.93 13.04
N TYR A 196 8.03 -12.90 12.02
CA TYR A 196 7.50 -11.64 11.50
C TYR A 196 6.54 -10.99 12.52
N VAL A 197 5.65 -11.78 13.07
CA VAL A 197 4.80 -11.37 14.17
C VAL A 197 5.66 -10.80 15.31
N GLY A 198 6.74 -11.49 15.69
CA GLY A 198 7.55 -10.99 16.79
C GLY A 198 8.18 -9.67 16.40
N GLN A 199 8.65 -9.58 15.16
CA GLN A 199 9.19 -8.34 14.63
C GLN A 199 8.18 -7.17 14.73
N VAL A 200 6.99 -7.37 14.21
CA VAL A 200 5.93 -6.36 14.29
C VAL A 200 5.58 -6.02 15.74
N GLU A 201 5.30 -7.02 16.57
CA GLU A 201 5.04 -6.74 18.00
C GLU A 201 6.13 -5.94 18.69
N GLY A 202 7.39 -6.26 18.40
CA GLY A 202 8.48 -5.64 19.10
C GLY A 202 8.66 -4.20 18.68
N ILE A 203 8.64 -4.00 17.37
CA ILE A 203 8.79 -2.65 16.88
C ILE A 203 7.65 -1.75 17.32
N VAL A 204 6.42 -2.22 17.18
CA VAL A 204 5.26 -1.43 17.51
C VAL A 204 5.29 -1.08 18.98
N LYS A 205 5.62 -2.03 19.86
CA LYS A 205 5.70 -1.73 21.33
C LYS A 205 6.74 -0.66 21.65
N ARG A 206 7.90 -0.71 21.00
CA ARG A 206 8.93 0.31 21.17
C ARG A 206 8.54 1.70 20.67
N MET A 207 7.85 1.74 19.53
CA MET A 207 7.33 3.02 18.96
C MET A 207 6.26 3.62 19.88
N LYS A 208 5.35 2.81 20.39
CA LYS A 208 4.38 3.29 21.39
C LYS A 208 5.03 3.81 22.66
N GLU A 209 6.03 3.11 23.18
CA GLU A 209 6.86 3.60 24.29
C GLU A 209 7.41 5.02 24.05
N GLU A 210 7.87 5.33 22.83
CA GLU A 210 8.38 6.69 22.56
C GLU A 210 7.28 7.73 22.38
N ALA A 211 6.03 7.28 22.26
CA ALA A 211 4.93 8.18 21.96
C ALA A 211 4.33 8.91 23.17
N LYS A 212 4.02 10.21 23.00
CA LYS A 212 3.36 11.04 24.03
C LYS A 212 1.93 10.59 24.34
N GLN A 213 1.09 10.49 23.30
CA GLN A 213 -0.25 9.91 23.43
C GLN A 213 -0.15 8.50 22.85
N GLU A 214 -1.00 7.57 23.31
CA GLU A 214 -1.01 6.17 22.85
C GLU A 214 -1.69 6.02 21.45
N PRO A 215 -0.90 5.65 20.41
CA PRO A 215 -1.47 5.66 19.03
C PRO A 215 -2.28 4.44 18.64
N LYS A 216 -3.32 4.65 17.83
CA LYS A 216 -3.99 3.58 17.15
C LYS A 216 -2.98 3.01 16.14
N VAL A 217 -2.98 1.69 15.92
CA VAL A 217 -2.07 1.03 14.97
C VAL A 217 -2.93 0.55 13.82
N ILE A 218 -2.66 1.06 12.64
CA ILE A 218 -3.33 0.56 11.45
C ILE A 218 -2.35 -0.13 10.49
N ALA A 219 -2.81 -1.16 9.80
CA ALA A 219 -1.89 -1.92 8.91
C ALA A 219 -2.53 -2.08 7.56
N THR A 220 -1.69 -2.20 6.54
CA THR A 220 -2.25 -2.44 5.20
C THR A 220 -1.23 -3.34 4.48
N GLY A 221 -1.53 -3.71 3.23
CA GLY A 221 -0.72 -4.65 2.48
C GLY A 221 -1.35 -6.04 2.45
N GLY A 222 -1.06 -6.80 1.39
CA GLY A 222 -1.66 -8.14 1.22
C GLY A 222 -1.64 -9.07 2.44
N LEU A 223 -0.55 -9.06 3.18
CA LEU A 223 -0.38 -10.00 4.27
C LEU A 223 -0.68 -9.45 5.68
N ALA A 224 -1.19 -8.20 5.74
CA ALA A 224 -1.61 -7.60 7.00
C ALA A 224 -2.56 -8.48 7.80
N LYS A 225 -3.47 -9.16 7.10
CA LYS A 225 -4.47 -10.00 7.73
C LYS A 225 -3.86 -11.20 8.45
N LEU A 226 -2.89 -11.86 7.83
CA LEU A 226 -2.18 -12.96 8.45
C LEU A 226 -1.56 -12.56 9.78
N ILE A 227 -0.86 -11.42 9.77
CA ILE A 227 -0.22 -10.90 10.96
C ILE A 227 -1.27 -10.53 12.01
N SER A 228 -2.32 -9.82 11.61
CA SER A 228 -3.27 -9.37 12.61
C SER A 228 -4.06 -10.54 13.23
N GLU A 229 -4.28 -11.62 12.47
CA GLU A 229 -4.83 -12.86 13.01
C GLU A 229 -3.96 -13.45 14.13
N GLU A 230 -2.65 -13.24 14.04
CA GLU A 230 -1.70 -13.78 15.03
C GLU A 230 -1.34 -12.88 16.22
N SER A 231 -1.80 -11.63 16.21
CA SER A 231 -1.45 -10.68 17.26
CA SER A 231 -1.44 -10.67 17.26
C SER A 231 -2.52 -9.64 17.47
N ASN A 232 -2.47 -8.96 18.62
CA ASN A 232 -3.41 -7.88 18.87
C ASN A 232 -2.81 -6.55 18.62
N VAL A 233 -1.54 -6.55 18.25
CA VAL A 233 -0.78 -5.33 18.11
C VAL A 233 -1.36 -4.35 17.04
N ILE A 234 -2.03 -4.91 16.04
CA ILE A 234 -2.71 -4.12 15.00
C ILE A 234 -4.17 -3.89 15.36
N ASP A 235 -4.60 -2.62 15.43
CA ASP A 235 -5.98 -2.29 15.77
C ASP A 235 -6.89 -2.51 14.58
N VAL A 236 -6.52 -1.91 13.43
CA VAL A 236 -7.35 -1.98 12.23
C VAL A 236 -6.48 -2.37 11.05
N VAL A 237 -6.93 -3.36 10.27
CA VAL A 237 -6.37 -3.68 8.96
C VAL A 237 -7.24 -2.98 7.97
N ASP A 238 -6.64 -2.10 7.17
CA ASP A 238 -7.37 -1.41 6.12
C ASP A 238 -6.67 -1.72 4.78
N PRO A 239 -7.20 -2.69 4.01
CA PRO A 239 -6.55 -3.19 2.79
C PRO A 239 -6.51 -2.17 1.69
N PHE A 240 -7.31 -1.13 1.81
CA PHE A 240 -7.40 -0.13 0.74
C PHE A 240 -6.96 1.25 1.16
N LEU A 241 -6.14 1.35 2.20
CA LEU A 241 -5.66 2.64 2.68
C LEU A 241 -5.00 3.47 1.58
N THR A 242 -4.11 2.84 0.83
CA THR A 242 -3.35 3.57 -0.23
C THR A 242 -4.31 4.03 -1.32
N LEU A 243 -5.22 3.20 -1.74
CA LEU A 243 -6.24 3.62 -2.76
C LEU A 243 -7.03 4.83 -2.29
N LYS A 244 -7.44 4.77 -1.01
CA LYS A 244 -8.21 5.87 -0.42
C LYS A 244 -7.41 7.13 -0.30
N GLY A 245 -6.16 7.00 0.13
CA GLY A 245 -5.22 8.11 0.08
C GLY A 245 -5.03 8.72 -1.30
N LEU A 246 -4.90 7.89 -2.34
CA LEU A 246 -4.66 8.43 -3.70
C LEU A 246 -5.91 9.17 -4.18
N TYR A 247 -7.08 8.63 -3.89
CA TYR A 247 -8.32 9.36 -4.07
C TYR A 247 -8.34 10.73 -3.35
N MET A 248 -7.88 10.79 -2.12
CA MET A 248 -7.83 12.09 -1.42
C MET A 248 -6.89 13.04 -2.15
N LEU A 249 -5.73 12.52 -2.56
CA LEU A 249 -4.75 13.33 -3.26
C LEU A 249 -5.30 13.87 -4.61
N TYR A 250 -6.03 13.03 -5.31
CA TYR A 250 -6.64 13.45 -6.57
C TYR A 250 -7.58 14.62 -6.29
N GLU A 251 -8.46 14.46 -5.32
CA GLU A 251 -9.39 15.53 -4.97
C GLU A 251 -8.72 16.85 -4.57
N ARG A 252 -7.70 16.79 -3.71
CA ARG A 252 -6.97 17.98 -3.33
C ARG A 252 -6.33 18.65 -4.57
N ASN A 253 -5.76 17.85 -5.47
CA ASN A 253 -5.04 18.35 -6.64
C ASN A 253 -5.85 18.53 -7.94
N ALA A 254 -7.18 18.45 -7.85
CA ALA A 254 -8.06 18.62 -9.01
C ALA A 254 -8.56 20.07 -9.13
#